data_2V2T
#
_entry.id   2V2T
#
_cell.length_a   91.440
_cell.length_b   91.440
_cell.length_c   419.970
_cell.angle_alpha   90.00
_cell.angle_beta   90.00
_cell.angle_gamma   120.00
#
_symmetry.space_group_name_H-M   'P 61 2 2'
#
loop_
_entity.id
_entity.type
_entity.pdbx_description
1 polymer 'TRANSCRIPTION FACTOR RELB'
2 polymer 'NUCLEAR FACTOR NF-KAPPA-B P105 SUBUNIT'
3 polymer "5'-D(*CP*GP*GP*GP*AP*AP*TP*TP*CP*CP*CP)-3'"
4 water water
#
loop_
_entity_poly.entity_id
_entity_poly.type
_entity_poly.pdbx_seq_one_letter_code
_entity_poly.pdbx_strand_id
1 'polypeptide(L)'
;LGRLVSPGPCPRPYLVITEQPKQRGMRFRYECEGRSAGSILGESSTEASKTQPAIELRDCGGLREVEVTACLVWKDWPHR
VHPHSLVGKDCTDGVCRVRLRPHVSPRHSFNNLGIQCVRKKEIEAAIERKIQLGIDPYNAGSLKNHQEVDMNVVRICFQA
SYRDQQGHLHRMDPILSEPVYDKKSTNTSELRICRINKESGPCTGGEELYLLCDKVQKEDISVVFSTASWEGRADFSQAD
VHRQIAIVFKTPPYEDLEISEPVTVNVFLQRLTDGVCSEPLPFTYLPR
;
A
2 'polypeptide(L)'
;DGPYLQILEQPKQRGFRFRYVCEGPSHGGLPGASSEKNKKSYPQVKICNYVGPAKVIVQLVTNGKNIHLHAHSLVGKHCE
DGVCTVTAGPKDMVVGFANLGILHVTKKKVFETLEARMTEACIRGYNPGLLVHSDLAYLQAEGGGDRQLTDREKEIIRQA
AVQQTKEMDLSVVRLMFTAFLPDSTGSFTRRLEPVVSDAIYDSKAPNASNLKIVRMDRTAGCVTGGEEIYLLCDKVQKDD
IQIRFYEEEENGGVWEGFGDFSPTDVHRQFAIVFKTPKYKDVNITKPASVFVQLRRKSDLETSEPKPFLYYPEIKDKEEV
QRKRQK
;
B
3 'polydeoxyribonucleotide' (DC)(DG)(DG)(DG)(DA)(DA)(DT)(DT)(DC)(DC)(DC) C,D
#
# COMPACT_ATOMS: atom_id res chain seq x y z
N CYS A 10 -6.65 21.26 -53.49
CA CYS A 10 -5.78 22.29 -52.83
C CYS A 10 -5.09 21.76 -51.57
N PRO A 11 -3.76 21.61 -51.62
CA PRO A 11 -2.97 21.12 -50.48
C PRO A 11 -2.64 22.20 -49.44
N ARG A 12 -2.72 21.82 -48.16
CA ARG A 12 -2.43 22.71 -47.05
C ARG A 12 -1.52 21.98 -46.05
N PRO A 13 -0.47 22.66 -45.58
CA PRO A 13 0.44 22.01 -44.62
C PRO A 13 -0.27 21.46 -43.41
N TYR A 14 0.25 20.36 -42.89
CA TYR A 14 -0.35 19.71 -41.72
C TYR A 14 0.62 18.68 -41.14
N LEU A 15 0.38 18.27 -39.89
CA LEU A 15 1.25 17.27 -39.29
C LEU A 15 0.42 16.04 -38.96
N VAL A 16 1.09 14.90 -38.83
CA VAL A 16 0.45 13.63 -38.50
C VAL A 16 1.33 12.81 -37.56
N ILE A 17 0.67 11.98 -36.75
CA ILE A 17 1.37 11.12 -35.80
C ILE A 17 1.77 9.86 -36.56
N THR A 18 3.03 9.77 -36.96
CA THR A 18 3.51 8.60 -37.68
C THR A 18 3.82 7.48 -36.70
N GLU A 19 3.56 7.74 -35.43
CA GLU A 19 3.82 6.75 -34.40
C GLU A 19 3.20 7.24 -33.12
N GLN A 20 2.15 6.55 -32.69
CA GLN A 20 1.46 6.90 -31.47
C GLN A 20 2.32 6.52 -30.26
N PRO A 21 2.03 7.12 -29.10
CA PRO A 21 2.78 6.84 -27.88
C PRO A 21 2.21 5.56 -27.27
N LYS A 22 3.09 4.64 -26.88
CA LYS A 22 2.69 3.35 -26.28
C LYS A 22 1.45 3.61 -25.45
N GLN A 23 0.33 3.05 -25.90
CA GLN A 23 -0.93 3.26 -25.21
C GLN A 23 -0.97 2.78 -23.76
N ARG A 24 -0.18 1.77 -23.43
CA ARG A 24 -0.18 1.22 -22.08
C ARG A 24 1.20 0.76 -21.63
N GLY A 25 1.46 0.88 -20.32
CA GLY A 25 2.74 0.47 -19.78
C GLY A 25 3.54 1.59 -19.16
N MET A 26 3.20 2.82 -19.51
CA MET A 26 3.89 4.00 -18.98
C MET A 26 3.36 4.36 -17.61
N ARG A 27 4.27 4.49 -16.64
CA ARG A 27 3.91 4.85 -15.28
C ARG A 27 4.09 6.35 -15.07
N PHE A 28 3.05 7.00 -14.53
CA PHE A 28 3.13 8.44 -14.26
C PHE A 28 3.90 8.70 -12.99
N ARG A 29 4.57 9.85 -12.94
CA ARG A 29 5.36 10.21 -11.78
C ARG A 29 4.81 11.46 -11.12
N TYR A 30 5.03 11.55 -9.81
CA TYR A 30 4.59 12.69 -9.02
C TYR A 30 5.72 13.71 -8.94
N GLU A 31 5.35 14.98 -8.72
CA GLU A 31 6.34 16.05 -8.62
C GLU A 31 7.52 15.56 -7.78
N CYS A 32 7.19 14.96 -6.65
CA CYS A 32 8.14 14.42 -5.68
C CYS A 32 9.00 13.23 -6.11
N GLU A 33 9.26 13.11 -7.41
CA GLU A 33 10.06 12.00 -7.93
C GLU A 33 10.87 12.53 -9.11
N GLY A 34 10.67 13.80 -9.44
CA GLY A 34 11.39 14.39 -10.56
C GLY A 34 11.24 13.62 -11.86
N ARG A 35 12.38 13.19 -12.41
CA ARG A 35 12.44 12.43 -13.66
C ARG A 35 12.74 10.95 -13.40
N SER A 36 12.84 10.17 -14.48
CA SER A 36 13.11 8.75 -14.39
C SER A 36 13.77 8.24 -15.67
N ALA A 37 14.29 7.01 -15.62
CA ALA A 37 14.94 6.40 -16.78
C ALA A 37 13.94 5.76 -17.74
N GLY A 38 12.66 5.82 -17.39
CA GLY A 38 11.63 5.23 -18.23
C GLY A 38 10.72 6.29 -18.83
N SER A 39 10.96 6.62 -20.09
CA SER A 39 10.16 7.63 -20.79
C SER A 39 9.09 6.98 -21.66
N ILE A 40 8.27 7.82 -22.29
CA ILE A 40 7.18 7.36 -23.14
C ILE A 40 7.70 6.68 -24.40
N LEU A 41 7.08 5.57 -24.75
CA LEU A 41 7.45 4.78 -25.93
C LEU A 41 6.46 4.83 -27.09
N GLY A 42 6.80 4.13 -28.17
CA GLY A 42 5.93 4.13 -29.34
C GLY A 42 5.05 2.89 -29.37
N GLU A 43 3.98 2.94 -30.15
CA GLU A 43 3.06 1.82 -30.27
C GLU A 43 3.80 0.54 -30.60
N SER A 44 4.69 0.62 -31.57
CA SER A 44 5.49 -0.53 -31.98
C SER A 44 6.35 -1.01 -30.82
N SER A 45 7.57 -0.50 -30.75
CA SER A 45 8.52 -0.81 -29.67
C SER A 45 8.98 -2.27 -29.52
N THR A 46 8.67 -2.88 -28.39
CA THR A 46 9.05 -4.27 -28.07
C THR A 46 10.54 -4.38 -27.77
N GLU A 47 10.86 -4.76 -26.54
CA GLU A 47 12.23 -4.91 -26.06
C GLU A 47 13.17 -5.64 -27.02
N ALA A 48 13.70 -4.88 -27.98
CA ALA A 48 14.61 -5.38 -29.01
C ALA A 48 14.71 -4.25 -30.01
N SER A 49 13.60 -3.54 -30.14
CA SER A 49 13.48 -2.39 -31.03
C SER A 49 12.65 -1.31 -30.33
N LYS A 50 13.27 -0.59 -29.41
CA LYS A 50 12.57 0.47 -28.69
C LYS A 50 12.37 1.67 -29.62
N THR A 51 11.11 2.02 -29.82
CA THR A 51 10.75 3.14 -30.68
C THR A 51 10.15 4.29 -29.86
N GLN A 52 10.20 5.50 -30.40
CA GLN A 52 9.64 6.67 -29.72
C GLN A 52 8.50 7.26 -30.53
N PRO A 53 7.51 7.83 -29.84
CA PRO A 53 6.32 8.48 -30.42
C PRO A 53 6.71 9.61 -31.35
N ALA A 54 6.43 9.49 -32.64
CA ALA A 54 6.81 10.55 -33.56
C ALA A 54 5.71 11.12 -34.44
N ILE A 55 6.00 12.25 -35.06
CA ILE A 55 5.08 12.91 -35.96
C ILE A 55 5.88 13.25 -37.21
N GLU A 56 5.22 13.95 -38.15
CA GLU A 56 5.83 14.36 -39.41
C GLU A 56 5.00 15.49 -40.00
N LEU A 57 5.67 16.42 -40.68
CA LEU A 57 4.96 17.54 -41.31
C LEU A 57 4.82 17.29 -42.81
N ARG A 58 3.59 17.48 -43.30
CA ARG A 58 3.28 17.24 -44.70
C ARG A 58 2.97 18.47 -45.53
N ASP A 59 3.62 18.53 -46.69
CA ASP A 59 3.45 19.62 -47.63
C ASP A 59 3.82 20.88 -46.92
N CYS A 60 5.01 20.88 -46.32
CA CYS A 60 5.51 22.04 -45.59
C CYS A 60 6.69 22.75 -46.24
N GLY A 61 7.11 22.28 -47.42
CA GLY A 61 8.20 22.95 -48.11
C GLY A 61 7.78 24.40 -48.26
N GLY A 62 8.72 25.32 -48.33
CA GLY A 62 8.33 26.71 -48.44
C GLY A 62 8.16 27.31 -47.06
N LEU A 63 8.34 26.48 -46.03
CA LEU A 63 8.25 26.93 -44.67
C LEU A 63 9.64 26.76 -44.08
N ARG A 64 10.38 27.86 -44.06
CA ARG A 64 11.74 27.88 -43.55
C ARG A 64 11.83 27.13 -42.24
N GLU A 65 10.81 27.29 -41.41
CA GLU A 65 10.80 26.62 -40.11
C GLU A 65 9.42 26.59 -39.48
N VAL A 66 9.10 25.44 -38.90
CA VAL A 66 7.83 25.19 -38.25
C VAL A 66 8.13 25.01 -36.77
N GLU A 67 7.09 24.97 -35.96
CA GLU A 67 7.25 24.77 -34.53
C GLU A 67 6.11 23.92 -34.01
N VAL A 68 6.46 22.79 -33.43
CA VAL A 68 5.49 21.87 -32.88
C VAL A 68 5.48 21.92 -31.35
N THR A 69 4.30 21.72 -30.76
CA THR A 69 4.17 21.77 -29.31
C THR A 69 3.30 20.68 -28.69
N ALA A 70 3.97 19.64 -28.19
CA ALA A 70 3.31 18.51 -27.53
C ALA A 70 2.80 18.93 -26.14
N CYS A 71 1.50 18.79 -25.91
CA CYS A 71 0.90 19.16 -24.63
C CYS A 71 -0.39 18.41 -24.32
N LEU A 72 -0.33 17.56 -23.30
CA LEU A 72 -1.47 16.76 -22.88
C LEU A 72 -2.74 17.58 -22.74
N VAL A 73 -3.85 16.92 -23.04
CA VAL A 73 -5.18 17.49 -22.93
C VAL A 73 -6.04 16.32 -22.46
N TRP A 74 -7.28 16.63 -22.09
CA TRP A 74 -8.21 15.66 -21.55
C TRP A 74 -8.25 14.29 -22.21
N LYS A 75 -9.29 13.98 -22.95
CA LYS A 75 -9.38 12.70 -23.64
C LYS A 75 -10.67 12.57 -24.41
N ASP A 76 -11.75 13.09 -23.84
CA ASP A 76 -13.05 13.02 -24.50
C ASP A 76 -13.56 14.41 -24.87
N TRP A 77 -14.63 14.45 -25.65
CA TRP A 77 -15.24 15.70 -26.13
C TRP A 77 -14.65 16.94 -25.47
N PRO A 78 -15.02 17.21 -24.21
CA PRO A 78 -14.41 18.41 -23.64
C PRO A 78 -12.91 18.22 -23.57
N HIS A 79 -12.18 18.75 -24.56
CA HIS A 79 -10.74 18.59 -24.56
C HIS A 79 -10.01 19.77 -23.92
N ARG A 80 -10.29 19.96 -22.63
CA ARG A 80 -9.70 21.03 -21.83
C ARG A 80 -8.26 20.64 -21.56
N VAL A 81 -7.45 21.61 -21.17
CA VAL A 81 -6.06 21.31 -20.89
C VAL A 81 -6.05 20.34 -19.74
N HIS A 82 -5.23 19.30 -19.84
CA HIS A 82 -5.16 18.32 -18.77
C HIS A 82 -4.21 18.78 -17.66
N PRO A 83 -4.58 18.52 -16.40
CA PRO A 83 -3.80 18.87 -15.21
C PRO A 83 -2.34 18.45 -15.25
N HIS A 84 -2.10 17.17 -15.50
CA HIS A 84 -0.73 16.70 -15.55
C HIS A 84 0.08 17.46 -16.57
N SER A 85 1.36 17.13 -16.66
CA SER A 85 2.21 17.83 -17.60
C SER A 85 3.34 16.99 -18.15
N LEU A 86 3.58 17.16 -19.44
CA LEU A 86 4.63 16.45 -20.14
C LEU A 86 5.95 17.02 -19.69
N VAL A 87 6.79 16.18 -19.09
CA VAL A 87 8.07 16.66 -18.62
C VAL A 87 9.15 16.11 -19.51
N GLY A 88 10.24 16.86 -19.61
CA GLY A 88 11.36 16.42 -20.43
C GLY A 88 12.06 17.53 -21.19
N LYS A 89 12.74 17.13 -22.25
CA LYS A 89 13.50 18.03 -23.12
C LYS A 89 12.68 19.16 -23.73
N ASP A 90 13.29 20.34 -23.81
CA ASP A 90 12.66 21.51 -24.42
C ASP A 90 11.24 21.81 -23.94
N CYS A 91 10.83 21.20 -22.83
CA CYS A 91 9.48 21.41 -22.32
C CYS A 91 9.23 22.72 -21.57
N THR A 92 8.92 22.60 -20.28
CA THR A 92 8.59 23.69 -19.36
C THR A 92 7.07 23.83 -19.34
N ASP A 93 6.46 23.28 -18.29
CA ASP A 93 5.01 23.27 -18.14
C ASP A 93 4.56 22.18 -19.10
N GLY A 94 3.27 21.85 -19.08
CA GLY A 94 2.80 20.81 -19.98
C GLY A 94 2.88 21.25 -21.42
N VAL A 95 4.09 21.25 -21.99
CA VAL A 95 4.27 21.67 -23.38
C VAL A 95 5.70 21.57 -23.91
N CYS A 96 6.02 20.43 -24.51
CA CYS A 96 7.34 20.17 -25.08
C CYS A 96 7.39 20.84 -26.43
N ARG A 97 8.29 21.81 -26.60
CA ARG A 97 8.40 22.56 -27.85
C ARG A 97 9.65 22.20 -28.64
N VAL A 98 9.54 22.29 -29.94
CA VAL A 98 10.67 21.98 -30.80
C VAL A 98 10.48 22.72 -32.10
N ARG A 99 11.37 23.66 -32.36
CA ARG A 99 11.29 24.43 -33.58
C ARG A 99 11.73 23.46 -34.65
N LEU A 100 11.29 23.69 -35.87
CA LEU A 100 11.61 22.79 -36.96
C LEU A 100 11.80 23.45 -38.31
N ARG A 101 12.69 22.85 -39.09
CA ARG A 101 12.97 23.31 -40.44
C ARG A 101 12.92 22.02 -41.23
N PRO A 102 12.04 21.91 -42.24
CA PRO A 102 12.08 20.62 -42.94
C PRO A 102 13.49 20.25 -43.43
N HIS A 103 13.68 19.89 -44.69
CA HIS A 103 15.04 19.51 -45.08
C HIS A 103 15.46 18.56 -43.94
N VAL A 104 14.50 17.70 -43.60
CA VAL A 104 14.55 16.66 -42.56
C VAL A 104 13.08 16.41 -42.22
N SER A 105 12.50 17.22 -41.35
CA SER A 105 11.07 17.15 -41.03
C SER A 105 10.42 15.90 -40.45
N PRO A 106 11.20 14.87 -40.09
CA PRO A 106 10.62 13.64 -39.53
C PRO A 106 10.09 13.84 -38.12
N ARG A 107 10.38 15.01 -37.55
CA ARG A 107 9.93 15.32 -36.22
C ARG A 107 10.48 14.35 -35.19
N HIS A 108 11.79 14.20 -35.21
CA HIS A 108 12.48 13.31 -34.28
C HIS A 108 11.57 12.16 -33.87
N SER A 109 10.90 12.36 -32.74
CA SER A 109 9.97 11.38 -32.21
C SER A 109 9.87 11.58 -30.71
N PHE A 110 10.30 12.74 -30.23
CA PHE A 110 10.22 13.02 -28.80
C PHE A 110 10.84 11.85 -28.04
N ASN A 111 12.11 12.02 -27.64
CA ASN A 111 12.84 10.96 -26.96
C ASN A 111 12.55 10.68 -25.48
N ASN A 112 13.03 11.55 -24.59
CA ASN A 112 12.85 11.32 -23.16
C ASN A 112 11.50 11.67 -22.58
N LEU A 113 10.68 12.36 -23.37
CA LEU A 113 9.32 12.75 -22.99
C LEU A 113 8.79 11.95 -21.79
N GLY A 114 8.16 12.64 -20.86
CA GLY A 114 7.63 11.95 -19.69
C GLY A 114 6.42 12.66 -19.14
N ILE A 115 5.57 11.91 -18.44
CA ILE A 115 4.38 12.52 -17.85
C ILE A 115 4.62 12.64 -16.36
N GLN A 116 4.23 13.79 -15.82
CA GLN A 116 4.36 14.05 -14.40
C GLN A 116 2.98 14.37 -13.84
N CYS A 117 2.33 13.36 -13.26
CA CYS A 117 1.00 13.54 -12.71
C CYS A 117 0.94 14.46 -11.49
N VAL A 118 -0.24 15.00 -11.25
CA VAL A 118 -0.47 15.89 -10.12
C VAL A 118 -1.27 15.10 -9.07
N ARG A 119 -1.89 15.78 -8.11
CA ARG A 119 -2.64 15.08 -7.09
C ARG A 119 -4.11 15.44 -7.16
N LYS A 120 -4.97 14.45 -6.96
CA LYS A 120 -6.42 14.65 -7.03
C LYS A 120 -6.89 15.97 -6.48
N LYS A 121 -6.12 16.54 -5.56
CA LYS A 121 -6.49 17.83 -4.98
C LYS A 121 -5.83 18.90 -5.81
N GLU A 122 -4.59 18.62 -6.18
CA GLU A 122 -3.72 19.48 -6.98
C GLU A 122 -4.40 20.05 -8.23
N ILE A 123 -5.32 19.28 -8.81
CA ILE A 123 -6.05 19.66 -10.02
C ILE A 123 -6.39 21.15 -10.11
N GLU A 124 -7.67 21.47 -9.87
CA GLU A 124 -8.17 22.84 -9.91
C GLU A 124 -7.06 23.88 -10.11
N ALA A 125 -6.16 23.97 -9.15
CA ALA A 125 -5.08 24.93 -9.26
C ALA A 125 -4.40 24.78 -10.61
N ALA A 126 -3.52 23.80 -10.71
CA ALA A 126 -2.77 23.54 -11.94
C ALA A 126 -3.56 23.84 -13.22
N ILE A 127 -4.61 23.06 -13.47
CA ILE A 127 -5.44 23.26 -14.65
C ILE A 127 -5.81 24.73 -14.78
N GLU A 128 -6.09 25.39 -13.67
CA GLU A 128 -6.44 26.80 -13.69
C GLU A 128 -5.21 27.67 -13.93
N ARG A 129 -4.11 27.33 -13.27
CA ARG A 129 -2.86 28.06 -13.43
C ARG A 129 -2.34 27.83 -14.84
N LYS A 130 -2.95 26.87 -15.53
CA LYS A 130 -2.56 26.55 -16.89
C LYS A 130 -3.14 27.59 -17.84
N ILE A 131 -4.47 27.72 -17.85
CA ILE A 131 -5.06 28.69 -18.75
C ILE A 131 -4.55 30.06 -18.34
N GLN A 132 -4.38 30.25 -17.03
CA GLN A 132 -3.90 31.52 -16.51
C GLN A 132 -2.59 31.81 -17.22
N LEU A 133 -1.84 30.75 -17.49
CA LEU A 133 -0.56 30.86 -18.16
C LEU A 133 -0.70 30.85 -19.69
N GLY A 134 -1.94 30.78 -20.16
CA GLY A 134 -2.18 30.78 -21.60
C GLY A 134 -1.89 29.47 -22.32
N ILE A 135 -2.25 28.35 -21.69
CA ILE A 135 -2.02 27.05 -22.28
C ILE A 135 -3.34 26.30 -22.37
N ASP A 136 -3.86 26.17 -23.58
CA ASP A 136 -5.14 25.49 -23.79
C ASP A 136 -5.32 25.30 -25.29
N PRO A 137 -5.00 24.09 -25.80
CA PRO A 137 -5.13 23.75 -27.22
C PRO A 137 -6.53 23.82 -27.82
N TYR A 138 -7.54 23.87 -26.96
CA TYR A 138 -8.92 23.91 -27.44
C TYR A 138 -9.84 24.91 -26.71
N ASN A 139 -9.33 25.49 -25.64
CA ASN A 139 -10.07 26.47 -24.84
C ASN A 139 -11.29 25.88 -24.13
N ALA A 140 -11.24 25.91 -22.80
CA ALA A 140 -12.28 25.39 -21.93
C ALA A 140 -13.32 26.46 -21.57
N GLY A 141 -13.11 27.17 -20.46
CA GLY A 141 -14.05 28.20 -20.06
C GLY A 141 -13.87 28.69 -18.63
N SER A 142 -14.67 29.67 -18.24
CA SER A 142 -14.61 30.25 -16.88
C SER A 142 -15.96 30.25 -16.16
N LEU A 143 -16.16 29.26 -15.29
CA LEU A 143 -17.38 29.12 -14.50
C LEU A 143 -17.25 27.91 -13.57
N LYS A 144 -16.38 26.97 -13.95
CA LYS A 144 -16.11 25.74 -13.20
C LYS A 144 -15.41 24.71 -14.08
N ASN A 145 -14.08 24.68 -14.01
CA ASN A 145 -13.30 23.74 -14.82
C ASN A 145 -12.73 22.57 -14.02
N HIS A 146 -13.65 21.74 -13.53
CA HIS A 146 -13.32 20.55 -12.74
C HIS A 146 -14.61 19.80 -12.40
N GLN A 147 -14.61 18.51 -12.68
CA GLN A 147 -15.75 17.64 -12.41
C GLN A 147 -15.10 16.27 -12.22
N GLU A 148 -15.34 15.37 -13.17
CA GLU A 148 -14.73 14.05 -13.10
C GLU A 148 -13.55 14.03 -14.05
N VAL A 149 -12.35 14.06 -13.49
CA VAL A 149 -11.13 14.05 -14.30
C VAL A 149 -10.39 12.73 -14.08
N ASP A 150 -9.89 12.15 -15.16
CA ASP A 150 -9.17 10.89 -15.06
C ASP A 150 -7.68 11.17 -14.90
N MET A 151 -7.14 10.78 -13.75
CA MET A 151 -5.72 10.99 -13.47
C MET A 151 -4.94 9.81 -14.03
N ASN A 152 -5.66 8.91 -14.69
CA ASN A 152 -5.03 7.73 -15.25
C ASN A 152 -4.97 7.67 -16.77
N VAL A 153 -5.67 8.57 -17.45
CA VAL A 153 -5.67 8.58 -18.91
C VAL A 153 -5.64 9.98 -19.49
N VAL A 154 -4.50 10.32 -20.09
CA VAL A 154 -4.34 11.63 -20.71
C VAL A 154 -4.13 11.40 -22.20
N ARG A 155 -3.99 12.49 -22.96
CA ARG A 155 -3.78 12.31 -24.36
C ARG A 155 -2.95 13.43 -24.99
N ILE A 156 -1.85 13.06 -25.64
CA ILE A 156 -0.96 14.04 -26.29
C ILE A 156 -1.61 14.73 -27.50
N CYS A 157 -1.49 16.05 -27.54
CA CYS A 157 -2.06 16.83 -28.61
C CYS A 157 -0.95 17.67 -29.23
N PHE A 158 -0.69 17.41 -30.51
CA PHE A 158 0.37 18.12 -31.21
C PHE A 158 -0.14 19.32 -31.98
N GLN A 159 0.68 20.36 -32.09
CA GLN A 159 0.27 21.56 -32.80
C GLN A 159 1.44 22.09 -33.59
N ALA A 160 1.20 22.90 -34.61
CA ALA A 160 2.31 23.44 -35.36
C ALA A 160 1.93 24.80 -35.87
N SER A 161 2.93 25.66 -36.06
CA SER A 161 2.65 27.00 -36.54
C SER A 161 3.85 27.55 -37.26
N TYR A 162 3.63 28.56 -38.07
CA TYR A 162 4.72 29.16 -38.82
C TYR A 162 4.30 30.55 -39.24
N ARG A 163 5.29 31.38 -39.58
CA ARG A 163 5.06 32.75 -40.03
C ARG A 163 5.13 32.69 -41.56
N ASP A 164 5.02 33.82 -42.22
CA ASP A 164 5.10 33.84 -43.67
C ASP A 164 5.31 35.25 -44.19
N GLN A 165 6.48 35.51 -44.78
CA GLN A 165 6.82 36.83 -45.31
C GLN A 165 6.71 37.92 -44.25
N GLN A 166 5.52 38.07 -43.69
CA GLN A 166 5.26 39.04 -42.64
C GLN A 166 4.84 38.23 -41.43
N GLY A 167 5.54 38.46 -40.32
CA GLY A 167 5.29 37.78 -39.06
C GLY A 167 4.02 36.97 -38.88
N HIS A 168 2.88 37.53 -39.25
CA HIS A 168 1.61 36.82 -39.11
C HIS A 168 1.79 35.31 -39.20
N LEU A 169 1.61 34.65 -38.07
CA LEU A 169 1.77 33.21 -37.95
C LEU A 169 0.49 32.44 -38.27
N HIS A 170 0.67 31.23 -38.77
CA HIS A 170 -0.45 30.39 -39.11
C HIS A 170 -0.47 29.23 -38.14
N ARG A 171 -1.64 28.72 -37.81
CA ARG A 171 -1.74 27.60 -36.90
C ARG A 171 -2.38 26.38 -37.59
N MET A 172 -1.58 25.39 -37.91
CA MET A 172 -2.12 24.23 -38.59
C MET A 172 -2.88 23.23 -37.73
N ASP A 173 -4.20 23.25 -37.81
CA ASP A 173 -5.08 22.35 -37.05
C ASP A 173 -4.41 21.37 -36.09
N PRO A 174 -4.96 21.24 -34.87
CA PRO A 174 -4.47 20.38 -33.78
C PRO A 174 -4.64 18.89 -34.03
N ILE A 175 -3.67 18.09 -33.63
CA ILE A 175 -3.77 16.66 -33.80
C ILE A 175 -3.70 15.90 -32.47
N LEU A 176 -4.74 15.13 -32.19
CA LEU A 176 -4.85 14.33 -30.97
C LEU A 176 -4.04 13.06 -31.14
N SER A 177 -3.86 12.33 -30.05
CA SER A 177 -3.08 11.09 -30.08
C SER A 177 -3.86 9.92 -29.50
N GLU A 178 -3.32 8.72 -29.64
CA GLU A 178 -4.00 7.56 -29.08
C GLU A 178 -3.88 7.71 -27.57
N PRO A 179 -4.98 7.52 -26.85
CA PRO A 179 -5.06 7.62 -25.40
C PRO A 179 -3.92 6.94 -24.63
N VAL A 180 -3.29 7.66 -23.71
CA VAL A 180 -2.21 7.08 -22.89
C VAL A 180 -2.76 6.75 -21.49
N TYR A 181 -2.49 5.54 -21.02
CA TYR A 181 -2.96 5.07 -19.72
C TYR A 181 -1.84 4.83 -18.69
N ASP A 182 -2.14 5.08 -17.43
CA ASP A 182 -1.16 4.91 -16.37
C ASP A 182 -1.01 3.48 -15.91
N LYS A 183 0.24 3.05 -15.76
CA LYS A 183 0.57 1.70 -15.34
C LYS A 183 0.22 1.38 -13.89
N LYS A 184 -0.04 2.40 -13.08
CA LYS A 184 -0.36 2.19 -11.67
C LYS A 184 -1.85 2.26 -11.40
N SER A 185 -2.61 2.82 -12.33
CA SER A 185 -4.05 2.92 -12.14
C SER A 185 -4.74 1.57 -12.24
N THR A 186 -3.99 0.52 -11.91
CA THR A 186 -4.49 -0.85 -11.90
C THR A 186 -5.49 -1.15 -13.04
N ASN A 187 -6.75 -0.79 -12.86
CA ASN A 187 -7.77 -1.03 -13.88
C ASN A 187 -7.34 -0.60 -15.28
N THR A 188 -6.31 0.22 -15.36
CA THR A 188 -5.88 0.72 -16.65
C THR A 188 -4.45 0.31 -17.04
N SER A 189 -3.96 -0.76 -16.45
CA SER A 189 -2.61 -1.22 -16.76
C SER A 189 -2.63 -2.50 -17.55
N GLU A 190 -1.53 -2.76 -18.25
CA GLU A 190 -1.40 -3.96 -19.04
C GLU A 190 -1.32 -5.14 -18.10
N LEU A 191 -2.21 -6.12 -18.30
CA LEU A 191 -2.25 -7.31 -17.47
C LEU A 191 -1.08 -8.22 -17.83
N ARG A 192 -0.64 -9.01 -16.87
CA ARG A 192 0.46 -9.93 -17.11
C ARG A 192 0.41 -11.11 -16.16
N ILE A 193 0.97 -12.23 -16.57
CA ILE A 193 1.01 -13.41 -15.73
C ILE A 193 2.46 -13.76 -15.44
N CYS A 194 2.87 -13.54 -14.20
CA CYS A 194 4.23 -13.82 -13.78
C CYS A 194 4.47 -15.31 -13.92
N ARG A 195 4.09 -16.05 -12.88
CA ARG A 195 4.23 -17.49 -12.88
C ARG A 195 2.86 -18.11 -13.14
N ILE A 196 2.74 -19.37 -12.75
CA ILE A 196 1.51 -20.15 -12.93
C ILE A 196 1.76 -21.52 -12.33
N ASN A 197 0.81 -22.01 -11.53
CA ASN A 197 0.94 -23.28 -10.84
C ASN A 197 1.65 -24.37 -11.61
N LYS A 198 1.00 -24.89 -12.64
CA LYS A 198 1.55 -25.97 -13.48
C LYS A 198 1.06 -25.82 -14.93
N GLU A 199 1.81 -26.41 -15.86
CA GLU A 199 1.46 -26.31 -17.28
C GLU A 199 1.06 -27.63 -17.95
N SER A 200 0.98 -28.70 -17.15
CA SER A 200 0.60 -30.02 -17.65
C SER A 200 -0.93 -30.16 -17.67
N GLY A 201 -1.46 -30.88 -16.69
CA GLY A 201 -2.90 -31.07 -16.57
C GLY A 201 -3.71 -31.70 -17.70
N PRO A 202 -4.70 -32.55 -17.35
CA PRO A 202 -5.63 -33.29 -18.22
C PRO A 202 -6.35 -32.42 -19.25
N CYS A 203 -7.58 -32.83 -19.61
CA CYS A 203 -8.38 -32.08 -20.57
C CYS A 203 -9.82 -31.98 -20.09
N THR A 204 -10.15 -32.80 -19.11
CA THR A 204 -11.48 -32.83 -18.53
C THR A 204 -11.82 -31.47 -17.90
N GLY A 205 -11.05 -31.09 -16.88
CA GLY A 205 -11.28 -29.83 -16.20
C GLY A 205 -11.42 -30.06 -14.71
N GLY A 206 -11.63 -28.97 -13.97
CA GLY A 206 -11.77 -29.08 -12.53
C GLY A 206 -10.43 -29.32 -11.85
N GLU A 207 -9.36 -28.85 -12.49
CA GLU A 207 -8.02 -29.00 -11.96
C GLU A 207 -7.59 -27.65 -11.38
N GLU A 208 -7.41 -27.61 -10.07
CA GLU A 208 -7.03 -26.38 -9.38
C GLU A 208 -5.65 -25.89 -9.83
N LEU A 209 -5.62 -24.71 -10.44
CA LEU A 209 -4.39 -24.11 -10.93
C LEU A 209 -4.13 -22.71 -10.39
N TYR A 210 -3.05 -22.55 -9.61
CA TYR A 210 -2.70 -21.25 -9.04
C TYR A 210 -2.09 -20.35 -10.11
N LEU A 211 -2.31 -19.05 -9.99
CA LEU A 211 -1.80 -18.12 -11.00
C LEU A 211 -1.37 -16.77 -10.42
N LEU A 212 -0.06 -16.61 -10.21
CA LEU A 212 0.50 -15.39 -9.67
C LEU A 212 0.61 -14.33 -10.76
N CYS A 213 -0.30 -13.36 -10.73
CA CYS A 213 -0.34 -12.30 -11.72
C CYS A 213 0.03 -10.95 -11.14
N ASP A 214 0.03 -9.91 -11.98
CA ASP A 214 0.31 -8.57 -11.51
C ASP A 214 -1.01 -7.98 -11.05
N LYS A 215 -0.96 -6.75 -10.55
CA LYS A 215 -2.12 -6.01 -10.03
C LYS A 215 -3.39 -6.11 -10.88
N VAL A 216 -4.45 -6.62 -10.28
CA VAL A 216 -5.73 -6.75 -10.97
C VAL A 216 -6.90 -6.83 -9.98
N GLN A 217 -8.02 -6.19 -10.33
CA GLN A 217 -9.21 -6.14 -9.48
C GLN A 217 -10.07 -7.40 -9.47
N LYS A 218 -10.33 -7.91 -8.27
CA LYS A 218 -11.11 -9.13 -8.11
C LYS A 218 -12.51 -9.12 -8.71
N GLU A 219 -13.04 -7.95 -9.02
CA GLU A 219 -14.39 -7.88 -9.59
C GLU A 219 -14.39 -7.53 -11.10
N ASP A 220 -13.33 -7.87 -11.80
CA ASP A 220 -13.26 -7.54 -13.22
C ASP A 220 -12.11 -8.28 -13.89
N ILE A 221 -11.80 -9.48 -13.41
CA ILE A 221 -10.74 -10.22 -14.03
C ILE A 221 -11.18 -11.63 -14.39
N SER A 222 -10.70 -12.10 -15.54
CA SER A 222 -11.00 -13.43 -16.04
C SER A 222 -9.81 -14.01 -16.77
N VAL A 223 -9.72 -15.34 -16.79
CA VAL A 223 -8.65 -16.05 -17.47
C VAL A 223 -9.26 -17.01 -18.50
N VAL A 224 -8.86 -16.86 -19.75
CA VAL A 224 -9.38 -17.69 -20.84
C VAL A 224 -8.32 -18.51 -21.58
N PHE A 225 -8.58 -19.80 -21.74
CA PHE A 225 -7.68 -20.70 -22.46
C PHE A 225 -8.06 -20.56 -23.92
N SER A 226 -7.06 -20.43 -24.80
CA SER A 226 -7.34 -20.27 -26.22
C SER A 226 -6.92 -21.45 -27.03
N THR A 227 -7.43 -21.49 -28.27
CA THR A 227 -7.15 -22.56 -29.22
C THR A 227 -7.60 -22.09 -30.61
N ALA A 228 -7.95 -23.04 -31.48
CA ALA A 228 -8.42 -22.74 -32.84
C ALA A 228 -9.70 -21.93 -32.77
N SER A 229 -9.55 -20.60 -32.81
CA SER A 229 -10.69 -19.70 -32.73
C SER A 229 -11.56 -20.10 -31.53
N TRP A 230 -10.94 -20.78 -30.57
CA TRP A 230 -11.64 -21.22 -29.36
C TRP A 230 -11.33 -20.26 -28.22
N GLU A 231 -12.24 -20.14 -27.28
CA GLU A 231 -12.08 -19.23 -26.14
C GLU A 231 -12.87 -19.69 -24.92
N GLY A 232 -12.37 -20.71 -24.22
CA GLY A 232 -13.05 -21.18 -23.03
C GLY A 232 -12.49 -20.53 -21.77
N ARG A 233 -13.34 -19.86 -20.98
CA ARG A 233 -12.87 -19.19 -19.77
C ARG A 233 -13.19 -19.97 -18.51
N ALA A 234 -12.17 -20.18 -17.69
CA ALA A 234 -12.31 -20.93 -16.45
C ALA A 234 -13.12 -20.18 -15.41
N ASP A 235 -13.77 -20.95 -14.55
CA ASP A 235 -14.61 -20.37 -13.51
C ASP A 235 -13.82 -20.20 -12.23
N PHE A 236 -14.25 -19.26 -11.41
CA PHE A 236 -13.64 -18.97 -10.13
C PHE A 236 -14.35 -17.75 -9.57
N SER A 237 -14.58 -17.75 -8.26
CA SER A 237 -15.27 -16.64 -7.61
C SER A 237 -14.27 -15.60 -7.18
N GLN A 238 -14.73 -14.37 -6.99
CA GLN A 238 -13.88 -13.27 -6.55
C GLN A 238 -13.12 -13.62 -5.25
N ALA A 239 -13.65 -14.57 -4.47
CA ALA A 239 -13.02 -14.95 -3.21
C ALA A 239 -11.77 -15.76 -3.45
N ASP A 240 -11.49 -16.04 -4.71
CA ASP A 240 -10.31 -16.82 -5.07
C ASP A 240 -9.13 -15.92 -5.42
N VAL A 241 -9.44 -14.68 -5.77
CA VAL A 241 -8.40 -13.70 -6.14
C VAL A 241 -7.80 -13.07 -4.89
N HIS A 242 -6.61 -13.55 -4.55
CA HIS A 242 -5.87 -13.12 -3.36
C HIS A 242 -5.08 -11.81 -3.44
N ARG A 243 -5.65 -10.76 -2.85
CA ARG A 243 -4.98 -9.46 -2.83
C ARG A 243 -4.54 -8.96 -4.22
N GLN A 244 -5.35 -9.25 -5.24
CA GLN A 244 -5.08 -8.84 -6.63
C GLN A 244 -3.77 -9.33 -7.23
N ILE A 245 -3.08 -10.24 -6.56
CA ILE A 245 -1.82 -10.71 -7.10
C ILE A 245 -1.74 -12.21 -7.38
N ALA A 246 -2.78 -12.95 -7.00
CA ALA A 246 -2.79 -14.38 -7.23
C ALA A 246 -4.18 -14.96 -7.43
N ILE A 247 -4.56 -15.15 -8.68
CA ILE A 247 -5.86 -15.72 -9.02
C ILE A 247 -5.77 -17.24 -8.98
N VAL A 248 -6.69 -17.88 -8.25
CA VAL A 248 -6.69 -19.33 -8.17
C VAL A 248 -7.95 -19.82 -8.87
N PHE A 249 -7.79 -20.78 -9.77
CA PHE A 249 -8.94 -21.28 -10.52
C PHE A 249 -8.98 -22.77 -10.84
N LYS A 250 -10.19 -23.23 -11.19
CA LYS A 250 -10.43 -24.61 -11.57
C LYS A 250 -10.31 -24.63 -13.10
N THR A 251 -9.59 -25.62 -13.63
CA THR A 251 -9.40 -25.74 -15.07
C THR A 251 -10.70 -26.08 -15.80
N PRO A 252 -11.00 -25.36 -16.90
CA PRO A 252 -12.21 -25.58 -17.69
C PRO A 252 -12.01 -26.71 -18.70
N PRO A 253 -13.10 -27.17 -19.35
CA PRO A 253 -13.00 -28.26 -20.33
C PRO A 253 -12.63 -27.74 -21.71
N TYR A 254 -12.07 -28.61 -22.55
CA TYR A 254 -11.71 -28.22 -23.91
C TYR A 254 -12.80 -28.65 -24.88
N GLU A 255 -12.96 -27.91 -25.97
CA GLU A 255 -13.97 -28.21 -26.98
C GLU A 255 -14.14 -29.70 -27.16
N ASP A 256 -15.06 -30.28 -26.38
CA ASP A 256 -15.36 -31.71 -26.38
C ASP A 256 -14.40 -32.58 -27.18
N LEU A 257 -13.34 -33.03 -26.51
CA LEU A 257 -12.37 -33.88 -27.18
C LEU A 257 -11.95 -35.07 -26.32
N GLU A 258 -11.60 -36.17 -27.01
CA GLU A 258 -11.16 -37.40 -26.37
C GLU A 258 -9.82 -37.79 -26.96
N ILE A 259 -9.35 -37.00 -27.92
CA ILE A 259 -8.07 -37.25 -28.58
C ILE A 259 -6.95 -37.51 -27.60
N SER A 260 -6.08 -38.46 -27.96
CA SER A 260 -4.94 -38.85 -27.15
C SER A 260 -3.75 -37.91 -27.35
N GLU A 261 -3.72 -37.23 -28.49
CA GLU A 261 -2.62 -36.31 -28.79
C GLU A 261 -2.91 -34.90 -28.23
N PRO A 262 -2.17 -34.48 -27.19
CA PRO A 262 -2.34 -33.17 -26.56
C PRO A 262 -2.10 -32.01 -27.53
N VAL A 263 -2.53 -30.81 -27.12
CA VAL A 263 -2.37 -29.62 -27.97
C VAL A 263 -2.16 -28.37 -27.12
N THR A 264 -1.56 -27.34 -27.73
CA THR A 264 -1.31 -26.07 -27.05
C THR A 264 -2.58 -25.25 -26.90
N VAL A 265 -2.94 -24.97 -25.65
CA VAL A 265 -4.12 -24.17 -25.34
C VAL A 265 -3.70 -23.01 -24.46
N ASN A 266 -2.87 -22.12 -25.00
CA ASN A 266 -2.37 -20.97 -24.26
C ASN A 266 -3.49 -20.21 -23.53
N VAL A 267 -3.20 -19.77 -22.31
CA VAL A 267 -4.17 -19.03 -21.50
C VAL A 267 -3.71 -17.58 -21.37
N PHE A 268 -4.56 -16.76 -20.77
CA PHE A 268 -4.23 -15.35 -20.56
C PHE A 268 -5.32 -14.58 -19.80
N LEU A 269 -4.89 -13.54 -19.09
CA LEU A 269 -5.79 -12.70 -18.32
C LEU A 269 -6.52 -11.75 -19.24
N GLN A 270 -7.80 -11.54 -18.97
CA GLN A 270 -8.59 -10.62 -19.77
C GLN A 270 -9.55 -9.82 -18.90
N ARG A 271 -9.50 -8.51 -19.08
CA ARG A 271 -10.31 -7.58 -18.32
C ARG A 271 -11.72 -7.44 -18.91
N LEU A 272 -12.70 -7.68 -18.05
CA LEU A 272 -14.10 -7.60 -18.44
C LEU A 272 -14.52 -6.17 -18.75
N THR A 273 -13.72 -5.21 -18.32
CA THR A 273 -14.06 -3.81 -18.54
C THR A 273 -13.82 -3.34 -19.97
N ASP A 274 -12.58 -3.44 -20.43
CA ASP A 274 -12.20 -3.01 -21.76
C ASP A 274 -11.62 -4.14 -22.62
N GLY A 275 -11.83 -5.38 -22.18
CA GLY A 275 -11.35 -6.52 -22.92
C GLY A 275 -9.84 -6.70 -23.02
N VAL A 276 -9.07 -5.63 -22.82
CA VAL A 276 -7.61 -5.72 -22.89
C VAL A 276 -7.15 -7.00 -22.22
N CYS A 277 -5.98 -7.50 -22.62
CA CYS A 277 -5.53 -8.76 -22.04
C CYS A 277 -4.03 -8.97 -22.10
N SER A 278 -3.57 -9.89 -21.24
CA SER A 278 -2.16 -10.22 -21.15
C SER A 278 -1.60 -10.82 -22.41
N GLU A 279 -0.36 -11.29 -22.32
CA GLU A 279 0.33 -11.93 -23.43
C GLU A 279 0.12 -13.39 -23.03
N PRO A 280 -0.48 -14.20 -23.92
CA PRO A 280 -0.75 -15.62 -23.67
C PRO A 280 0.35 -16.40 -22.96
N LEU A 281 -0.03 -17.44 -22.23
CA LEU A 281 0.94 -18.27 -21.53
C LEU A 281 0.70 -19.76 -21.84
N PRO A 282 1.68 -20.42 -22.49
CA PRO A 282 1.65 -21.82 -22.88
C PRO A 282 1.22 -22.85 -21.84
N PHE A 283 0.10 -23.51 -22.11
CA PHE A 283 -0.45 -24.57 -21.28
C PHE A 283 -1.17 -25.53 -22.23
N THR A 284 -0.88 -26.82 -22.10
CA THR A 284 -1.50 -27.82 -22.97
C THR A 284 -2.27 -28.89 -22.19
N TYR A 285 -3.39 -29.33 -22.76
CA TYR A 285 -4.25 -30.34 -22.17
C TYR A 285 -3.65 -31.74 -22.35
N LEU A 286 -4.50 -32.76 -22.21
CA LEU A 286 -4.08 -34.15 -22.35
C LEU A 286 -5.32 -35.01 -22.63
N PRO A 287 -5.21 -36.34 -22.49
CA PRO A 287 -6.39 -37.18 -22.75
C PRO A 287 -7.19 -37.40 -21.45
N ARG A 288 -8.14 -38.32 -21.50
CA ARG A 288 -8.98 -38.63 -20.34
C ARG A 288 -8.31 -39.67 -19.45
N ASP B 1 1.97 -2.71 49.17
CA ASP B 1 1.14 -3.19 50.33
C ASP B 1 0.01 -2.20 50.64
N GLY B 2 0.11 -1.01 50.05
CA GLY B 2 -0.90 0.00 50.25
C GLY B 2 -1.75 0.14 49.00
N PRO B 3 -2.38 1.30 48.76
CA PRO B 3 -3.21 1.48 47.56
C PRO B 3 -2.35 1.41 46.31
N TYR B 4 -2.77 0.59 45.34
CA TYR B 4 -2.02 0.46 44.08
C TYR B 4 -2.89 0.03 42.91
N LEU B 5 -2.48 0.46 41.71
CA LEU B 5 -3.20 0.15 40.49
C LEU B 5 -2.77 -1.21 40.00
N GLN B 6 -3.44 -1.73 38.97
CA GLN B 6 -3.10 -3.04 38.44
C GLN B 6 -3.89 -3.35 37.17
N ILE B 7 -3.21 -3.90 36.16
CA ILE B 7 -3.88 -4.24 34.93
C ILE B 7 -4.51 -5.62 35.09
N LEU B 8 -5.78 -5.73 34.73
CA LEU B 8 -6.49 -7.00 34.82
C LEU B 8 -6.36 -7.72 33.50
N GLU B 9 -6.87 -7.08 32.46
CA GLU B 9 -6.77 -7.67 31.14
C GLU B 9 -6.02 -6.69 30.27
N GLN B 10 -4.83 -7.10 29.83
CA GLN B 10 -3.96 -6.32 28.97
C GLN B 10 -4.63 -6.17 27.63
N PRO B 11 -4.19 -5.19 26.81
CA PRO B 11 -4.75 -4.96 25.48
C PRO B 11 -4.33 -6.14 24.60
N LYS B 12 -5.04 -6.37 23.50
CA LYS B 12 -4.74 -7.50 22.62
C LYS B 12 -3.28 -7.62 22.25
N GLN B 13 -2.70 -6.52 21.73
CA GLN B 13 -1.29 -6.48 21.32
C GLN B 13 -1.07 -6.51 19.81
N ARG B 14 -1.72 -7.43 19.11
CA ARG B 14 -1.57 -7.52 17.66
C ARG B 14 -2.91 -7.66 16.98
N GLY B 15 -3.06 -6.98 15.85
CA GLY B 15 -4.29 -7.08 15.10
C GLY B 15 -5.27 -5.95 15.24
N PHE B 16 -4.79 -4.71 15.34
CA PHE B 16 -5.68 -3.55 15.47
C PHE B 16 -5.11 -2.41 14.65
N ARG B 17 -5.99 -1.74 13.90
CA ARG B 17 -5.61 -0.64 13.02
C ARG B 17 -5.60 0.76 13.64
N PHE B 18 -4.42 1.38 13.62
CA PHE B 18 -4.28 2.73 14.13
C PHE B 18 -4.85 3.62 13.03
N ARG B 19 -6.17 3.71 12.94
CA ARG B 19 -6.81 4.53 11.92
C ARG B 19 -6.25 5.95 11.88
N TYR B 20 -5.80 6.39 10.71
CA TYR B 20 -5.25 7.73 10.54
C TYR B 20 -6.27 8.83 10.79
N VAL B 21 -5.78 10.05 10.93
CA VAL B 21 -6.65 11.20 11.16
C VAL B 21 -7.68 11.33 10.04
N CYS B 22 -7.18 11.35 8.82
CA CYS B 22 -7.97 11.46 7.60
C CYS B 22 -8.95 10.30 7.41
N GLU B 23 -8.77 9.24 8.17
CA GLU B 23 -9.65 8.07 8.09
C GLU B 23 -10.89 8.27 8.93
N GLY B 24 -10.80 9.12 9.95
CA GLY B 24 -11.91 9.33 10.85
C GLY B 24 -11.91 8.26 11.93
N PRO B 25 -11.61 8.62 13.19
CA PRO B 25 -11.54 7.73 14.35
C PRO B 25 -12.67 6.70 14.46
N SER B 26 -13.84 7.04 13.96
CA SER B 26 -14.99 6.14 14.03
C SER B 26 -14.77 4.86 13.24
N HIS B 27 -13.83 4.03 13.68
CA HIS B 27 -13.53 2.79 12.95
C HIS B 27 -13.48 1.50 13.75
N GLY B 28 -13.32 1.58 15.06
CA GLY B 28 -13.26 0.36 15.85
C GLY B 28 -12.92 0.61 17.31
N GLY B 29 -12.77 -0.47 18.07
CA GLY B 29 -12.46 -0.35 19.49
C GLY B 29 -11.39 -1.35 19.92
N LEU B 30 -10.27 -0.83 20.40
CA LEU B 30 -9.16 -1.66 20.86
C LEU B 30 -9.56 -2.67 21.95
N PRO B 31 -9.35 -3.96 21.68
CA PRO B 31 -9.68 -5.06 22.59
C PRO B 31 -8.57 -5.56 23.51
N GLY B 32 -8.95 -6.45 24.41
CA GLY B 32 -8.01 -7.03 25.35
C GLY B 32 -7.69 -8.47 24.98
N ALA B 33 -6.47 -8.89 25.23
CA ALA B 33 -6.09 -10.24 24.91
C ALA B 33 -7.05 -11.21 25.58
N SER B 34 -8.14 -11.51 24.87
CA SER B 34 -9.20 -12.42 25.33
C SER B 34 -10.40 -12.21 24.44
N SER B 35 -10.79 -10.95 24.32
CA SER B 35 -11.92 -10.54 23.51
C SER B 35 -11.99 -11.55 22.40
N GLU B 36 -12.86 -12.54 22.59
CA GLU B 36 -13.02 -13.63 21.64
C GLU B 36 -14.24 -13.45 20.75
N LYS B 37 -14.40 -14.39 19.82
CA LYS B 37 -15.49 -14.45 18.86
C LYS B 37 -16.82 -13.88 19.37
N ASN B 38 -17.48 -14.62 20.25
CA ASN B 38 -18.75 -14.18 20.78
C ASN B 38 -18.67 -13.79 22.25
N LYS B 39 -17.55 -13.18 22.62
CA LYS B 39 -17.34 -12.75 23.99
C LYS B 39 -16.26 -11.67 24.07
N LYS B 40 -16.66 -10.41 23.85
CA LYS B 40 -15.72 -9.31 23.89
C LYS B 40 -15.08 -9.22 25.25
N SER B 41 -13.95 -8.54 25.30
CA SER B 41 -13.20 -8.36 26.54
C SER B 41 -12.23 -7.23 26.29
N TYR B 42 -12.53 -6.07 26.87
CA TYR B 42 -11.70 -4.88 26.69
C TYR B 42 -10.60 -4.76 27.72
N PRO B 43 -9.72 -3.76 27.56
CA PRO B 43 -8.62 -3.52 28.49
C PRO B 43 -9.14 -2.95 29.80
N GLN B 44 -9.06 -3.74 30.86
CA GLN B 44 -9.53 -3.26 32.15
C GLN B 44 -8.49 -3.36 33.27
N VAL B 45 -8.54 -2.40 34.19
CA VAL B 45 -7.65 -2.35 35.34
C VAL B 45 -8.46 -2.20 36.63
N LYS B 46 -7.84 -2.55 37.76
CA LYS B 46 -8.51 -2.43 39.05
C LYS B 46 -7.62 -1.77 40.08
N ILE B 47 -8.18 -0.81 40.80
CA ILE B 47 -7.43 -0.15 41.86
C ILE B 47 -7.51 -1.16 43.00
N CYS B 48 -6.40 -1.41 43.68
CA CYS B 48 -6.42 -2.36 44.78
C CYS B 48 -6.07 -1.69 46.11
N ASN B 49 -6.60 -2.24 47.20
CA ASN B 49 -6.35 -1.71 48.53
C ASN B 49 -6.91 -0.31 48.70
N TYR B 50 -8.10 -0.09 48.16
CA TYR B 50 -8.79 1.19 48.25
C TYR B 50 -10.17 0.94 47.65
N VAL B 51 -11.23 1.36 48.32
CA VAL B 51 -12.57 1.12 47.80
C VAL B 51 -13.42 2.38 47.66
N GLY B 52 -12.82 3.54 47.85
CA GLY B 52 -13.60 4.76 47.71
C GLY B 52 -13.65 5.15 46.25
N PRO B 53 -14.30 6.26 45.90
CA PRO B 53 -14.38 6.69 44.51
C PRO B 53 -13.00 7.14 44.02
N ALA B 54 -12.77 7.05 42.71
CA ALA B 54 -11.50 7.45 42.13
C ALA B 54 -11.65 8.06 40.74
N LYS B 55 -10.55 8.08 40.01
CA LYS B 55 -10.48 8.64 38.67
C LYS B 55 -9.31 7.85 38.06
N VAL B 56 -9.52 7.20 36.93
CA VAL B 56 -8.42 6.43 36.32
C VAL B 56 -8.25 6.91 34.91
N ILE B 57 -7.10 7.48 34.58
CA ILE B 57 -6.91 7.97 33.22
C ILE B 57 -5.94 7.12 32.43
N VAL B 58 -5.97 7.26 31.11
CA VAL B 58 -5.09 6.49 30.27
C VAL B 58 -4.58 7.31 29.09
N GLN B 59 -3.30 7.16 28.78
CA GLN B 59 -2.68 7.87 27.68
C GLN B 59 -1.69 6.93 26.98
N LEU B 60 -1.20 7.34 25.82
CA LEU B 60 -0.27 6.50 25.05
C LEU B 60 1.18 6.92 25.28
N VAL B 61 1.99 5.96 25.73
CA VAL B 61 3.38 6.23 25.98
C VAL B 61 4.20 5.42 24.99
N THR B 62 5.40 5.90 24.68
CA THR B 62 6.22 5.18 23.73
C THR B 62 6.59 3.81 24.29
N ASN B 63 7.14 2.98 23.41
CA ASN B 63 7.55 1.63 23.76
C ASN B 63 9.06 1.62 23.81
N GLY B 64 9.65 0.65 24.50
CA GLY B 64 11.10 0.60 24.57
C GLY B 64 11.65 0.92 25.95
N LYS B 65 12.96 1.13 26.01
CA LYS B 65 13.62 1.44 27.28
C LYS B 65 13.11 2.72 27.92
N ASN B 66 12.92 3.76 27.12
CA ASN B 66 12.43 5.04 27.63
C ASN B 66 10.90 5.07 27.64
N ILE B 67 10.32 5.90 28.49
CA ILE B 67 8.87 6.00 28.59
C ILE B 67 8.39 7.45 28.46
N HIS B 68 8.14 7.90 27.23
CA HIS B 68 7.68 9.26 26.99
C HIS B 68 6.30 9.27 26.33
N LEU B 69 5.79 10.47 26.06
CA LEU B 69 4.49 10.58 25.39
C LEU B 69 4.65 10.16 23.93
N HIS B 70 3.63 9.52 23.40
CA HIS B 70 3.64 9.10 22.01
C HIS B 70 2.87 10.14 21.20
N ALA B 71 3.24 10.33 19.95
CA ALA B 71 2.55 11.31 19.11
C ALA B 71 1.14 10.88 18.76
N HIS B 72 0.86 9.58 18.82
CA HIS B 72 -0.48 9.12 18.50
C HIS B 72 -1.44 9.59 19.58
N SER B 73 -2.73 9.31 19.44
CA SER B 73 -3.69 9.79 20.44
C SER B 73 -4.87 8.86 20.65
N LEU B 74 -5.28 8.64 21.90
CA LEU B 74 -6.41 7.77 22.13
C LEU B 74 -7.69 8.51 21.81
N VAL B 75 -8.71 7.79 21.34
CA VAL B 75 -9.98 8.41 20.98
C VAL B 75 -11.19 7.61 21.47
N GLY B 76 -12.23 8.32 21.87
CA GLY B 76 -13.41 7.63 22.35
C GLY B 76 -14.33 8.60 23.06
N LYS B 77 -15.26 8.06 23.84
CA LYS B 77 -16.22 8.87 24.57
C LYS B 77 -15.58 9.77 25.62
N HIS B 78 -15.14 9.14 26.71
CA HIS B 78 -14.54 9.85 27.83
C HIS B 78 -13.10 10.26 27.54
N CYS B 79 -12.79 10.37 26.26
CA CYS B 79 -11.45 10.73 25.87
C CYS B 79 -11.44 12.18 25.37
N GLU B 80 -10.24 12.71 25.12
CA GLU B 80 -10.01 14.08 24.64
C GLU B 80 -8.53 14.42 24.78
N ASP B 81 -7.90 14.84 23.69
CA ASP B 81 -6.49 15.17 23.73
C ASP B 81 -5.64 13.91 23.94
N GLY B 82 -6.12 12.79 23.41
CA GLY B 82 -5.40 11.52 23.51
C GLY B 82 -5.22 10.96 24.91
N VAL B 83 -6.18 11.24 25.78
CA VAL B 83 -6.11 10.78 27.16
C VAL B 83 -7.50 10.55 27.74
N CYS B 84 -7.89 9.29 27.83
CA CYS B 84 -9.21 8.96 28.33
C CYS B 84 -9.26 8.96 29.85
N THR B 85 -10.29 9.62 30.39
CA THR B 85 -10.47 9.74 31.83
C THR B 85 -11.75 9.11 32.37
N VAL B 86 -11.72 7.81 32.61
CA VAL B 86 -12.89 7.15 33.15
C VAL B 86 -12.79 7.30 34.65
N THR B 87 -13.94 7.32 35.32
CA THR B 87 -13.96 7.40 36.76
C THR B 87 -14.35 5.99 37.15
N ALA B 88 -14.30 5.67 38.43
CA ALA B 88 -14.69 4.35 38.88
C ALA B 88 -14.14 4.13 40.27
N GLY B 89 -14.96 3.54 41.14
CA GLY B 89 -14.51 3.28 42.48
C GLY B 89 -15.51 3.49 43.61
N PRO B 90 -16.76 3.93 43.32
CA PRO B 90 -17.69 4.12 44.43
C PRO B 90 -17.73 2.91 45.35
N LYS B 91 -17.95 1.74 44.76
CA LYS B 91 -18.00 0.49 45.51
C LYS B 91 -17.21 -0.57 44.75
N ASP B 92 -17.23 -0.49 43.42
CA ASP B 92 -16.50 -1.43 42.56
C ASP B 92 -15.20 -0.77 42.08
N MET B 93 -14.07 -1.43 42.31
CA MET B 93 -12.79 -0.84 41.91
C MET B 93 -12.22 -1.28 40.57
N VAL B 94 -13.03 -1.91 39.75
CA VAL B 94 -12.58 -2.34 38.44
C VAL B 94 -13.14 -1.43 37.38
N VAL B 95 -12.34 -1.11 36.39
CA VAL B 95 -12.80 -0.27 35.30
C VAL B 95 -12.26 -0.77 33.97
N GLY B 96 -13.08 -0.70 32.93
CA GLY B 96 -12.64 -1.15 31.63
C GLY B 96 -12.64 -0.03 30.63
N PHE B 97 -11.99 -0.24 29.50
CA PHE B 97 -11.94 0.78 28.45
C PHE B 97 -12.49 0.31 27.10
N ALA B 98 -13.80 0.48 26.92
CA ALA B 98 -14.50 0.10 25.70
C ALA B 98 -14.33 1.13 24.58
N ASN B 99 -14.54 0.69 23.35
CA ASN B 99 -14.39 1.55 22.18
C ASN B 99 -13.21 2.51 22.28
N LEU B 100 -12.03 1.95 22.47
CA LEU B 100 -10.86 2.78 22.53
C LEU B 100 -10.27 2.83 21.13
N GLY B 101 -9.96 4.04 20.66
CA GLY B 101 -9.37 4.19 19.34
C GLY B 101 -7.98 4.75 19.41
N ILE B 102 -7.12 4.35 18.46
CA ILE B 102 -5.75 4.84 18.43
C ILE B 102 -5.49 5.61 17.15
N LEU B 103 -5.49 6.93 17.27
CA LEU B 103 -5.25 7.88 16.18
C LEU B 103 -4.21 7.42 15.15
N HIS B 104 -3.06 8.10 15.12
CA HIS B 104 -1.95 7.81 14.19
C HIS B 104 -1.54 9.04 13.38
N VAL B 105 -0.83 9.95 14.03
CA VAL B 105 -0.39 11.18 13.39
C VAL B 105 0.48 10.83 12.21
N THR B 106 0.55 11.73 11.23
CA THR B 106 1.39 11.50 10.06
C THR B 106 2.85 11.68 10.48
N LYS B 107 3.73 10.85 9.95
CA LYS B 107 5.13 10.93 10.30
C LYS B 107 5.58 12.39 10.24
N LYS B 108 4.85 13.21 9.49
CA LYS B 108 5.21 14.62 9.40
C LYS B 108 4.74 15.45 10.59
N LYS B 109 3.44 15.43 10.88
CA LYS B 109 2.91 16.22 12.00
C LYS B 109 3.20 15.65 13.40
N VAL B 110 4.33 14.99 13.56
CA VAL B 110 4.66 14.44 14.86
C VAL B 110 5.16 15.57 15.76
N PHE B 111 6.42 15.98 15.56
CA PHE B 111 7.03 17.05 16.36
C PHE B 111 6.03 18.05 16.95
N GLU B 112 5.40 18.85 16.11
CA GLU B 112 4.43 19.81 16.62
C GLU B 112 3.57 19.20 17.72
N THR B 113 3.01 18.01 17.46
CA THR B 113 2.17 17.33 18.44
C THR B 113 2.92 17.05 19.73
N LEU B 114 4.17 16.61 19.62
CA LEU B 114 4.99 16.33 20.79
C LEU B 114 5.28 17.62 21.53
N GLU B 115 6.02 18.51 20.89
CA GLU B 115 6.35 19.79 21.50
C GLU B 115 5.13 20.35 22.24
N ALA B 116 3.97 20.32 21.59
CA ALA B 116 2.76 20.82 22.21
C ALA B 116 2.38 19.98 23.43
N ARG B 117 2.58 18.68 23.33
CA ARG B 117 2.23 17.76 24.40
C ARG B 117 3.15 17.96 25.61
N MET B 118 4.46 17.94 25.35
CA MET B 118 5.46 18.14 26.39
C MET B 118 5.21 19.43 27.16
N THR B 119 5.33 20.56 26.47
CA THR B 119 5.13 21.88 27.06
C THR B 119 3.90 21.92 27.93
N GLU B 120 2.74 21.65 27.33
CA GLU B 120 1.50 21.66 28.08
C GLU B 120 1.66 20.84 29.34
N ALA B 121 2.55 19.85 29.32
CA ALA B 121 2.78 19.02 30.49
C ALA B 121 3.73 19.73 31.46
N CYS B 122 4.58 20.61 30.94
CA CYS B 122 5.51 21.35 31.78
C CYS B 122 4.76 22.45 32.53
N ILE B 123 3.78 22.04 33.32
CA ILE B 123 2.98 22.96 34.13
C ILE B 123 2.32 22.17 35.27
N ARG B 124 2.36 20.85 35.18
CA ARG B 124 1.74 20.00 36.19
C ARG B 124 2.70 19.02 36.86
N GLY B 125 2.14 18.05 37.57
CA GLY B 125 2.94 17.07 38.29
C GLY B 125 3.67 15.94 37.58
N TYR B 126 3.16 14.72 37.76
CA TYR B 126 3.75 13.50 37.19
C TYR B 126 4.41 13.67 35.84
N ASN B 127 4.04 14.74 35.15
CA ASN B 127 4.60 15.07 33.85
C ASN B 127 5.66 16.15 34.00
N PRO B 128 6.92 15.73 34.17
CA PRO B 128 8.02 16.68 34.31
C PRO B 128 9.30 16.03 33.78
N GLY B 129 10.09 15.50 34.70
CA GLY B 129 11.32 14.84 34.34
C GLY B 129 11.00 13.42 33.90
N LEU B 130 9.87 12.89 34.36
CA LEU B 130 9.48 11.55 33.95
C LEU B 130 9.23 11.62 32.45
N LEU B 131 8.48 12.63 32.03
CA LEU B 131 8.18 12.79 30.62
C LEU B 131 9.26 13.54 29.87
N VAL B 132 8.97 14.78 29.50
CA VAL B 132 9.94 15.60 28.78
C VAL B 132 11.43 15.33 29.06
N HIS B 133 12.05 16.13 29.92
CA HIS B 133 13.47 15.94 30.21
C HIS B 133 13.64 15.65 31.68
N SER B 134 14.30 14.54 31.99
CA SER B 134 14.52 14.12 33.38
C SER B 134 15.41 15.09 34.12
N ASP B 135 15.66 16.25 33.52
CA ASP B 135 16.51 17.26 34.13
C ASP B 135 15.69 18.42 34.67
N LEU B 136 14.37 18.28 34.62
CA LEU B 136 13.48 19.33 35.13
C LEU B 136 12.85 18.92 36.44
N ALA B 137 11.61 18.43 36.38
CA ALA B 137 10.91 18.00 37.57
C ALA B 137 10.52 19.19 38.44
N TYR B 138 11.26 20.29 38.32
CA TYR B 138 11.00 21.50 39.09
C TYR B 138 9.53 21.86 38.98
N LEU B 139 8.81 21.13 38.14
CA LEU B 139 7.39 21.37 37.98
C LEU B 139 6.56 20.56 38.94
N GLN B 140 6.56 19.24 38.76
CA GLN B 140 5.80 18.33 39.61
C GLN B 140 4.62 18.96 40.35
N ALA B 141 3.95 19.91 39.71
CA ALA B 141 2.81 20.62 40.29
C ALA B 141 3.25 21.62 41.37
N GLU B 142 2.90 22.88 41.16
CA GLU B 142 3.25 23.95 42.09
C GLU B 142 2.08 24.27 43.02
N GLY B 143 1.22 25.16 42.55
CA GLY B 143 0.06 25.57 43.31
C GLY B 143 -0.76 26.58 42.53
N GLY B 144 -1.44 26.12 41.48
CA GLY B 144 -2.26 27.00 40.68
C GLY B 144 -2.04 26.86 39.18
N GLY B 145 -0.91 26.27 38.80
CA GLY B 145 -0.59 26.09 37.39
C GLY B 145 0.21 27.24 36.81
N ASP B 146 1.52 27.24 37.08
CA ASP B 146 2.42 28.29 36.59
C ASP B 146 2.21 28.53 35.11
N ARG B 147 2.56 29.72 34.63
CA ARG B 147 2.38 30.05 33.22
C ARG B 147 3.49 29.53 32.32
N GLN B 148 3.23 29.59 31.02
CA GLN B 148 4.11 29.09 29.94
C GLN B 148 5.60 28.97 30.22
N LEU B 149 6.09 29.64 31.25
CA LEU B 149 7.49 29.56 31.60
C LEU B 149 8.35 30.41 30.67
N THR B 150 9.61 30.57 31.06
CA THR B 150 10.56 31.38 30.31
C THR B 150 11.26 30.59 29.21
N ASP B 151 12.15 31.28 28.50
CA ASP B 151 12.92 30.68 27.42
C ASP B 151 13.81 29.60 28.01
N ARG B 152 14.87 29.25 27.27
CA ARG B 152 15.82 28.22 27.68
C ARG B 152 15.10 26.92 27.95
N GLU B 153 14.21 26.94 28.93
CA GLU B 153 13.41 25.77 29.28
C GLU B 153 12.43 25.59 28.12
N LYS B 154 11.81 26.70 27.73
CA LYS B 154 10.85 26.71 26.63
C LYS B 154 11.58 26.21 25.39
N GLU B 155 12.90 26.13 25.50
CA GLU B 155 13.77 25.65 24.43
C GLU B 155 14.32 24.27 24.77
N ILE B 156 14.25 23.90 26.05
CA ILE B 156 14.73 22.59 26.48
C ILE B 156 13.74 21.52 26.04
N ILE B 157 12.45 21.83 26.14
CA ILE B 157 11.46 20.86 25.72
C ILE B 157 11.57 20.76 24.20
N ARG B 158 11.61 21.90 23.52
CA ARG B 158 11.72 21.90 22.06
C ARG B 158 12.87 21.01 21.64
N GLN B 159 14.00 21.15 22.32
CA GLN B 159 15.15 20.33 21.99
C GLN B 159 14.88 18.86 22.28
N ALA B 160 13.97 18.58 23.20
CA ALA B 160 13.61 17.20 23.55
C ALA B 160 12.50 16.71 22.64
N ALA B 161 11.63 17.63 22.23
CA ALA B 161 10.53 17.28 21.33
C ALA B 161 11.15 16.87 19.99
N VAL B 162 12.44 17.15 19.84
CA VAL B 162 13.17 16.80 18.63
C VAL B 162 13.84 15.46 18.78
N GLN B 163 14.71 15.34 19.78
CA GLN B 163 15.41 14.08 19.98
C GLN B 163 14.44 12.92 20.10
N GLN B 164 13.20 13.23 20.48
CA GLN B 164 12.17 12.21 20.63
C GLN B 164 11.42 11.88 19.34
N THR B 165 10.99 12.87 18.58
CA THR B 165 10.30 12.58 17.32
C THR B 165 11.18 11.65 16.49
N LYS B 166 12.47 11.93 16.48
CA LYS B 166 13.44 11.14 15.72
C LYS B 166 13.39 9.67 16.11
N GLU B 167 13.31 9.39 17.41
CA GLU B 167 13.29 8.00 17.82
C GLU B 167 11.92 7.43 18.13
N MET B 168 10.86 8.09 17.67
CA MET B 168 9.54 7.56 17.93
C MET B 168 9.14 6.56 16.86
N ASP B 169 8.62 5.43 17.28
CA ASP B 169 8.18 4.39 16.37
C ASP B 169 6.66 4.42 16.39
N LEU B 170 6.06 4.91 15.32
CA LEU B 170 4.60 5.05 15.26
C LEU B 170 3.82 3.77 14.97
N SER B 171 4.52 2.65 14.86
CA SER B 171 3.86 1.38 14.58
C SER B 171 3.56 0.57 15.85
N VAL B 172 3.99 1.11 17.00
CA VAL B 172 3.78 0.44 18.27
C VAL B 172 3.55 1.47 19.36
N VAL B 173 2.76 1.13 20.36
CA VAL B 173 2.46 2.03 21.48
C VAL B 173 2.06 1.24 22.72
N ARG B 174 2.15 1.87 23.89
CA ARG B 174 1.75 1.22 25.14
C ARG B 174 0.78 2.15 25.87
N LEU B 175 -0.26 1.59 26.47
CA LEU B 175 -1.25 2.38 27.21
C LEU B 175 -0.67 2.62 28.62
N MET B 176 -0.86 3.82 29.15
CA MET B 176 -0.37 4.10 30.51
C MET B 176 -1.52 4.48 31.40
N PHE B 177 -1.82 3.60 32.34
CA PHE B 177 -2.89 3.84 33.29
C PHE B 177 -2.37 4.54 34.55
N THR B 178 -3.09 5.57 34.97
CA THR B 178 -2.74 6.37 36.12
C THR B 178 -3.97 6.72 36.98
N ALA B 179 -4.10 6.07 38.13
CA ALA B 179 -5.22 6.34 39.02
C ALA B 179 -4.97 7.51 39.98
N PHE B 180 -6.01 8.29 40.22
CA PHE B 180 -5.95 9.41 41.13
C PHE B 180 -7.00 9.26 42.22
N LEU B 181 -6.53 9.15 43.46
CA LEU B 181 -7.41 9.02 44.60
C LEU B 181 -7.81 10.42 45.08
N PRO B 182 -8.90 10.49 45.87
CA PRO B 182 -9.37 11.78 46.38
C PRO B 182 -8.68 12.22 47.66
N ASP B 183 -8.00 13.35 47.61
CA ASP B 183 -7.34 13.87 48.80
C ASP B 183 -8.14 15.08 49.25
N SER B 184 -8.89 14.87 50.33
CA SER B 184 -9.76 15.86 50.97
C SER B 184 -10.47 16.74 49.97
N THR B 185 -11.35 17.61 50.44
CA THR B 185 -12.11 18.48 49.55
C THR B 185 -12.74 17.61 48.46
N GLY B 186 -12.71 16.29 48.66
CA GLY B 186 -13.28 15.34 47.71
C GLY B 186 -12.52 15.22 46.40
N SER B 187 -11.78 16.26 46.06
CA SER B 187 -10.99 16.32 44.83
C SER B 187 -10.00 15.17 44.65
N PHE B 188 -9.64 14.90 43.40
CA PHE B 188 -8.70 13.82 43.08
C PHE B 188 -7.31 14.35 42.80
N THR B 189 -6.43 14.15 43.78
CA THR B 189 -5.06 14.61 43.68
C THR B 189 -4.04 13.59 44.16
N ARG B 190 -4.51 12.52 44.78
CA ARG B 190 -3.61 11.46 45.23
C ARG B 190 -3.30 10.54 44.05
N ARG B 191 -2.24 10.86 43.33
CA ARG B 191 -1.80 10.12 42.16
C ARG B 191 -0.96 8.86 42.39
N LEU B 192 -1.60 7.70 42.38
CA LEU B 192 -0.89 6.42 42.52
C LEU B 192 0.18 6.13 41.43
N GLU B 193 1.19 5.33 41.78
CA GLU B 193 2.22 4.98 40.81
C GLU B 193 1.57 4.34 39.59
N PRO B 194 1.82 4.91 38.40
CA PRO B 194 1.25 4.39 37.14
C PRO B 194 1.74 3.02 36.73
N VAL B 195 1.07 2.46 35.72
CA VAL B 195 1.41 1.15 35.20
C VAL B 195 1.26 1.13 33.67
N VAL B 196 2.27 0.61 32.98
CA VAL B 196 2.25 0.55 31.54
C VAL B 196 1.74 -0.80 31.05
N SER B 197 0.97 -0.80 29.96
CA SER B 197 0.43 -2.02 29.40
C SER B 197 1.45 -2.61 28.48
N ASP B 198 1.07 -3.73 27.86
CA ASP B 198 1.97 -4.38 26.92
C ASP B 198 2.05 -3.58 25.64
N ALA B 199 2.93 -4.01 24.74
CA ALA B 199 3.05 -3.31 23.48
C ALA B 199 1.80 -3.58 22.67
N ILE B 200 1.45 -2.62 21.81
CA ILE B 200 0.30 -2.70 20.92
C ILE B 200 0.84 -2.34 19.55
N TYR B 201 0.91 -3.34 18.68
CA TYR B 201 1.44 -3.15 17.34
C TYR B 201 0.38 -2.87 16.28
N ASP B 202 0.60 -1.79 15.53
CA ASP B 202 -0.30 -1.40 14.46
C ASP B 202 -0.34 -2.47 13.35
N SER B 203 -1.51 -3.07 13.18
CA SER B 203 -1.70 -4.11 12.20
C SER B 203 -1.48 -3.62 10.79
N LYS B 204 -1.26 -2.31 10.62
CA LYS B 204 -1.03 -1.78 9.29
C LYS B 204 0.46 -1.65 9.06
N ALA B 205 1.24 -2.08 10.05
CA ALA B 205 2.69 -2.02 9.97
C ALA B 205 3.17 -3.30 9.32
N PRO B 206 3.70 -3.22 8.09
CA PRO B 206 4.16 -4.47 7.48
C PRO B 206 5.07 -5.29 8.37
N ASN B 207 5.80 -4.66 9.27
CA ASN B 207 6.72 -5.41 10.13
C ASN B 207 6.10 -6.09 11.35
N ALA B 208 4.83 -5.85 11.62
CA ALA B 208 4.20 -6.47 12.79
C ALA B 208 2.70 -6.65 12.71
N SER B 209 2.27 -7.48 11.77
CA SER B 209 0.86 -7.79 11.60
C SER B 209 0.74 -9.28 11.90
N ASN B 210 -0.48 -9.78 11.91
CA ASN B 210 -0.67 -11.20 12.16
C ASN B 210 -0.27 -11.94 10.90
N LEU B 211 0.26 -13.14 11.07
CA LEU B 211 0.67 -13.96 9.95
C LEU B 211 -0.44 -14.96 9.67
N LYS B 212 -0.70 -15.21 8.39
CA LYS B 212 -1.75 -16.13 8.00
C LYS B 212 -1.40 -16.84 6.70
N ILE B 213 -1.45 -18.17 6.74
CA ILE B 213 -1.14 -18.96 5.54
C ILE B 213 -2.45 -19.25 4.84
N VAL B 214 -3.06 -18.23 4.25
CA VAL B 214 -4.32 -18.44 3.55
C VAL B 214 -4.09 -19.44 2.42
N ARG B 215 -4.91 -20.49 2.39
CA ARG B 215 -4.80 -21.54 1.37
C ARG B 215 -3.54 -21.57 0.50
N MET B 216 -2.78 -22.65 0.62
CA MET B 216 -1.56 -22.83 -0.17
C MET B 216 -1.78 -23.95 -1.19
N ASP B 217 -0.83 -24.09 -2.11
CA ASP B 217 -0.94 -25.10 -3.16
C ASP B 217 -1.04 -26.52 -2.64
N ARG B 218 0.09 -27.22 -2.64
CA ARG B 218 0.13 -28.60 -2.20
C ARG B 218 0.21 -28.75 -0.67
N THR B 219 -0.64 -29.62 -0.12
CA THR B 219 -0.67 -29.87 1.31
C THR B 219 0.29 -31.01 1.66
N ALA B 220 1.07 -31.45 0.67
CA ALA B 220 2.03 -32.52 0.87
C ALA B 220 2.98 -32.64 -0.31
N GLY B 221 4.21 -33.05 -0.03
CA GLY B 221 5.23 -33.21 -1.06
C GLY B 221 6.14 -34.39 -0.78
N CYS B 222 6.86 -34.83 -1.81
CA CYS B 222 7.79 -35.95 -1.69
C CYS B 222 8.84 -35.64 -0.63
N VAL B 223 9.33 -36.67 0.06
CA VAL B 223 10.32 -36.47 1.10
C VAL B 223 11.68 -36.09 0.52
N THR B 224 11.74 -36.02 -0.80
CA THR B 224 12.96 -35.66 -1.51
C THR B 224 13.08 -34.15 -1.66
N GLY B 225 12.21 -33.41 -1.00
CA GLY B 225 12.24 -31.95 -1.09
C GLY B 225 12.26 -31.47 -2.53
N GLY B 226 12.73 -30.24 -2.72
CA GLY B 226 12.80 -29.69 -4.06
C GLY B 226 11.42 -29.49 -4.66
N GLU B 227 10.39 -29.76 -3.87
CA GLU B 227 9.01 -29.61 -4.31
C GLU B 227 8.62 -28.14 -4.39
N GLU B 228 8.41 -27.63 -5.59
CA GLU B 228 8.01 -26.24 -5.79
C GLU B 228 6.53 -26.04 -5.48
N ILE B 229 6.23 -25.26 -4.44
CA ILE B 229 4.84 -24.99 -4.05
C ILE B 229 4.45 -23.50 -4.00
N TYR B 230 3.22 -23.22 -4.43
CA TYR B 230 2.69 -21.87 -4.44
C TYR B 230 1.96 -21.57 -3.15
N LEU B 231 2.38 -20.54 -2.44
CA LEU B 231 1.74 -20.18 -1.18
C LEU B 231 1.14 -18.77 -1.16
N LEU B 232 -0.16 -18.72 -0.89
CA LEU B 232 -0.86 -17.45 -0.80
C LEU B 232 -0.84 -17.06 0.68
N CYS B 233 -0.68 -15.76 0.97
CA CYS B 233 -0.58 -15.32 2.37
C CYS B 233 -0.79 -13.83 2.55
N ASP B 234 -0.91 -13.43 3.82
CA ASP B 234 -1.10 -12.02 4.15
C ASP B 234 0.25 -11.32 4.16
N LYS B 235 0.21 -10.03 3.84
CA LYS B 235 1.40 -9.20 3.77
C LYS B 235 2.62 -9.70 4.51
N VAL B 236 3.75 -9.76 3.80
CA VAL B 236 5.01 -10.18 4.39
C VAL B 236 6.14 -9.35 3.76
N GLN B 237 7.29 -9.34 4.43
CA GLN B 237 8.46 -8.61 3.95
C GLN B 237 9.52 -9.62 3.50
N LYS B 238 9.49 -9.97 2.22
CA LYS B 238 10.42 -10.95 1.64
C LYS B 238 11.72 -11.20 2.38
N ASP B 239 12.33 -10.11 2.84
CA ASP B 239 13.61 -10.16 3.54
C ASP B 239 13.60 -10.62 4.99
N ASP B 240 12.42 -10.68 5.61
CA ASP B 240 12.36 -11.06 7.02
C ASP B 240 11.40 -12.21 7.33
N ILE B 241 10.84 -12.83 6.29
CA ILE B 241 9.89 -13.92 6.46
C ILE B 241 10.49 -15.29 6.17
N GLN B 242 9.92 -16.33 6.75
CA GLN B 242 10.42 -17.67 6.49
C GLN B 242 9.31 -18.73 6.65
N ILE B 243 9.45 -19.85 5.95
CA ILE B 243 8.46 -20.92 6.01
C ILE B 243 9.04 -22.12 6.81
N ARG B 244 8.67 -22.20 8.08
CA ARG B 244 9.17 -23.25 8.95
C ARG B 244 8.31 -24.52 9.06
N PHE B 245 8.81 -25.60 8.46
CA PHE B 245 8.16 -26.91 8.52
C PHE B 245 8.69 -27.44 9.83
N TYR B 246 7.96 -28.32 10.49
CA TYR B 246 8.45 -28.84 11.75
C TYR B 246 7.68 -30.04 12.28
N GLU B 247 8.37 -30.85 13.08
CA GLU B 247 7.78 -32.05 13.68
C GLU B 247 8.28 -32.21 15.11
N GLU B 248 7.41 -32.66 16.00
CA GLU B 248 7.75 -32.85 17.42
C GLU B 248 8.00 -34.31 17.81
N GLU B 249 9.00 -34.93 17.19
CA GLU B 249 9.34 -36.33 17.48
C GLU B 249 9.27 -36.62 18.97
N GLU B 250 8.62 -37.74 19.31
CA GLU B 250 8.43 -38.17 20.69
C GLU B 250 9.58 -37.90 21.67
N ASN B 251 9.41 -36.87 22.50
CA ASN B 251 10.39 -36.45 23.50
C ASN B 251 11.85 -36.75 23.18
N GLY B 252 12.20 -36.67 21.91
CA GLY B 252 13.57 -36.92 21.48
C GLY B 252 14.19 -35.68 20.88
N GLY B 253 13.35 -34.66 20.67
CA GLY B 253 13.79 -33.40 20.09
C GLY B 253 12.64 -32.65 19.43
N VAL B 254 12.96 -31.87 18.39
CA VAL B 254 11.97 -31.11 17.64
C VAL B 254 12.53 -30.81 16.25
N TRP B 255 12.03 -31.51 15.23
CA TRP B 255 12.52 -31.30 13.88
C TRP B 255 11.98 -30.04 13.24
N GLU B 256 12.77 -29.45 12.35
CA GLU B 256 12.37 -28.21 11.65
C GLU B 256 13.16 -28.02 10.37
N GLY B 257 12.47 -27.59 9.33
CA GLY B 257 13.13 -27.34 8.06
C GLY B 257 12.52 -26.09 7.47
N PHE B 258 13.22 -25.43 6.56
CA PHE B 258 12.70 -24.21 5.96
C PHE B 258 12.69 -24.27 4.42
N GLY B 259 11.62 -23.75 3.84
CA GLY B 259 11.51 -23.76 2.38
C GLY B 259 12.55 -22.88 1.72
N ASP B 260 12.73 -23.02 0.41
CA ASP B 260 13.74 -22.22 -0.30
C ASP B 260 13.09 -21.17 -1.18
N PHE B 261 13.69 -19.98 -1.20
CA PHE B 261 13.17 -18.91 -2.04
C PHE B 261 13.96 -17.62 -1.91
N SER B 262 14.17 -16.98 -3.04
CA SER B 262 14.90 -15.72 -3.06
C SER B 262 13.89 -14.64 -2.72
N PRO B 263 14.36 -13.50 -2.21
CA PRO B 263 13.40 -12.44 -1.90
C PRO B 263 12.63 -12.06 -3.17
N THR B 264 12.92 -12.77 -4.25
CA THR B 264 12.27 -12.49 -5.52
C THR B 264 11.10 -13.45 -5.70
N ASP B 265 11.20 -14.61 -5.05
CA ASP B 265 10.18 -15.64 -5.10
C ASP B 265 8.96 -15.27 -4.28
N VAL B 266 9.02 -14.10 -3.63
CA VAL B 266 7.91 -13.59 -2.85
C VAL B 266 7.21 -12.62 -3.78
N HIS B 267 5.94 -12.89 -4.07
CA HIS B 267 5.23 -12.06 -5.02
C HIS B 267 4.41 -10.95 -4.41
N ARG B 268 4.84 -9.72 -4.63
CA ARG B 268 4.13 -8.55 -4.12
C ARG B 268 3.65 -8.71 -2.68
N GLN B 269 4.50 -9.28 -1.85
CA GLN B 269 4.20 -9.48 -0.43
C GLN B 269 3.09 -10.44 -0.02
N PHE B 270 2.40 -11.07 -0.96
CA PHE B 270 1.33 -11.97 -0.54
C PHE B 270 1.47 -13.41 -0.96
N ALA B 271 2.33 -13.65 -1.94
CA ALA B 271 2.56 -15.00 -2.44
C ALA B 271 4.03 -15.31 -2.41
N ILE B 272 4.35 -16.58 -2.14
CA ILE B 272 5.73 -17.02 -2.08
C ILE B 272 5.81 -18.36 -2.81
N VAL B 273 6.67 -18.43 -3.82
CA VAL B 273 6.82 -19.68 -4.54
C VAL B 273 8.09 -20.32 -4.02
N PHE B 274 7.97 -21.42 -3.31
CA PHE B 274 9.16 -22.05 -2.78
C PHE B 274 9.32 -23.51 -3.11
N LYS B 275 10.46 -24.04 -2.68
CA LYS B 275 10.82 -25.45 -2.87
C LYS B 275 10.88 -26.05 -1.47
N THR B 276 10.19 -27.16 -1.28
CA THR B 276 10.16 -27.83 0.02
C THR B 276 11.51 -28.41 0.44
N PRO B 277 11.77 -28.45 1.75
CA PRO B 277 13.02 -28.98 2.28
C PRO B 277 13.00 -30.50 2.49
N LYS B 278 14.18 -31.12 2.54
CA LYS B 278 14.30 -32.55 2.76
C LYS B 278 13.78 -32.88 4.15
N TYR B 279 12.91 -33.87 4.28
CA TYR B 279 12.36 -34.23 5.59
C TYR B 279 13.47 -34.73 6.51
N LYS B 280 13.08 -35.19 7.70
CA LYS B 280 14.00 -35.70 8.72
C LYS B 280 14.60 -37.05 8.36
N ASP B 281 13.78 -37.90 7.73
CA ASP B 281 14.17 -39.24 7.32
C ASP B 281 13.67 -39.43 5.91
N VAL B 282 14.55 -39.80 4.99
CA VAL B 282 14.14 -40.00 3.61
C VAL B 282 13.85 -41.44 3.19
N ASN B 283 14.65 -42.38 3.66
CA ASN B 283 14.45 -43.78 3.29
C ASN B 283 13.14 -44.39 3.79
N ILE B 284 12.41 -43.65 4.61
CA ILE B 284 11.15 -44.15 5.15
C ILE B 284 10.10 -44.20 4.04
N THR B 285 9.10 -45.05 4.25
CA THR B 285 8.01 -45.24 3.29
C THR B 285 6.69 -44.68 3.82
N LYS B 286 6.49 -44.80 5.13
CA LYS B 286 5.27 -44.30 5.76
C LYS B 286 5.21 -42.77 5.65
N PRO B 287 4.04 -42.24 5.28
CA PRO B 287 3.85 -40.79 5.13
C PRO B 287 4.11 -40.02 6.43
N ALA B 288 4.62 -38.80 6.27
CA ALA B 288 4.96 -37.93 7.40
C ALA B 288 3.95 -36.84 7.72
N SER B 289 3.59 -36.78 9.00
CA SER B 289 2.64 -35.79 9.51
C SER B 289 3.40 -34.57 10.05
N VAL B 290 3.57 -33.56 9.20
CA VAL B 290 4.30 -32.36 9.59
C VAL B 290 3.47 -31.08 9.56
N PHE B 291 4.02 -30.04 10.17
CA PHE B 291 3.40 -28.71 10.25
C PHE B 291 4.24 -27.63 9.56
N VAL B 292 3.58 -26.70 8.89
CA VAL B 292 4.27 -25.60 8.23
C VAL B 292 3.75 -24.28 8.80
N GLN B 293 4.62 -23.28 8.91
CA GLN B 293 4.18 -21.99 9.44
C GLN B 293 5.05 -20.84 9.01
N LEU B 294 4.43 -19.74 8.60
CA LEU B 294 5.19 -18.57 8.22
C LEU B 294 5.75 -18.02 9.52
N ARG B 295 6.92 -17.40 9.46
CA ARG B 295 7.52 -16.86 10.66
C ARG B 295 8.39 -15.63 10.38
N ARG B 296 8.37 -14.68 11.31
CA ARG B 296 9.16 -13.47 11.17
C ARG B 296 10.48 -13.57 11.92
N LYS B 297 11.57 -13.50 11.14
CA LYS B 297 12.89 -13.57 11.72
C LYS B 297 13.08 -12.44 12.71
N SER B 298 12.43 -11.33 12.46
CA SER B 298 12.57 -10.18 13.35
C SER B 298 11.96 -10.41 14.74
N ASP B 299 10.64 -10.58 14.79
CA ASP B 299 9.95 -10.75 16.07
C ASP B 299 9.61 -12.18 16.46
N LEU B 300 9.84 -13.11 15.55
CA LEU B 300 9.54 -14.52 15.80
C LEU B 300 8.04 -14.78 15.92
N GLU B 301 7.25 -13.89 15.37
CA GLU B 301 5.80 -14.05 15.41
C GLU B 301 5.55 -15.20 14.47
N THR B 302 4.56 -16.03 14.78
CA THR B 302 4.30 -17.19 13.93
C THR B 302 2.83 -17.43 13.65
N SER B 303 2.52 -17.71 12.38
CA SER B 303 1.15 -17.98 11.94
C SER B 303 0.65 -19.34 12.42
N GLU B 304 -0.60 -19.63 12.08
CA GLU B 304 -1.20 -20.89 12.47
C GLU B 304 -0.57 -22.02 11.67
N PRO B 305 -0.31 -23.15 12.33
CA PRO B 305 0.30 -24.30 11.68
C PRO B 305 -0.70 -25.02 10.79
N LYS B 306 -0.31 -25.26 9.54
CA LYS B 306 -1.17 -25.96 8.61
C LYS B 306 -0.55 -27.34 8.40
N PRO B 307 -1.35 -28.41 8.54
CA PRO B 307 -0.83 -29.77 8.37
C PRO B 307 -0.23 -30.02 6.99
N PHE B 308 0.91 -30.69 6.96
CA PHE B 308 1.58 -31.00 5.72
C PHE B 308 1.98 -32.48 5.70
N LEU B 309 1.94 -33.08 4.50
CA LEU B 309 2.27 -34.49 4.37
C LEU B 309 3.49 -34.78 3.51
N TYR B 310 4.41 -35.55 4.08
CA TYR B 310 5.63 -35.96 3.38
C TYR B 310 5.45 -37.40 2.90
N TYR B 311 5.45 -37.62 1.60
CA TYR B 311 5.31 -38.97 1.07
C TYR B 311 6.61 -39.42 0.40
N PRO B 312 7.07 -40.64 0.68
CA PRO B 312 8.31 -41.15 0.10
C PRO B 312 8.32 -41.33 -1.42
N GLU B 313 9.42 -41.90 -1.90
CA GLU B 313 9.61 -42.14 -3.33
C GLU B 313 9.00 -43.48 -3.76
#